data_3QYJ
#
_entry.id   3QYJ
#
_cell.length_a   44.542
_cell.length_b   88.196
_cell.length_c   83.588
_cell.angle_alpha   90.00
_cell.angle_beta   93.09
_cell.angle_gamma   90.00
#
_symmetry.space_group_name_H-M   'P 1 21 1'
#
loop_
_entity.id
_entity.type
_entity.pdbx_description
1 polymer 'Alr0039 protein'
2 water water
#
_entity_poly.entity_id   1
_entity_poly.type   'polypeptide(L)'
_entity_poly.pdbx_seq_one_letter_code
;MFTNFEQTIVDTTEARINLVKAGHGAPLLLLHGYPQTHVMWHKIAPLLANNFTVVATDLRGYGDSSRPASVPHHINYSKR
VMAQDQVEVMSKLGYEQFYVVGHDRGARVAHRLALDHPHRVKKLALLDIAPTHKMYRTTDQEFATAYYHWFFLIQPDNLP
ETLIGANPEYYLRKCLEKWGKDFSAFHPQALAEYIRCFSQPAVIHATCEDYRAAATIDLEHDELDMKQKISCPVLVLWGE
KGIIGRKYDVLATWRERAIDVSGQSLPCGHFLPEEAPEETYQAIYNFLTHC
;
_entity_poly.pdbx_strand_id   A,B
#
# COMPACT_ATOMS: atom_id res chain seq x y z
N MET A 1 -17.08 25.59 -28.95
CA MET A 1 -17.04 24.23 -28.28
C MET A 1 -18.10 24.10 -27.18
N PHE A 2 -18.62 22.89 -27.04
CA PHE A 2 -19.63 22.54 -26.04
C PHE A 2 -20.86 23.47 -26.09
N THR A 3 -21.29 23.73 -27.31
CA THR A 3 -22.43 24.60 -27.55
C THR A 3 -23.62 23.92 -26.83
N ASN A 4 -24.32 24.69 -25.99
CA ASN A 4 -25.50 24.21 -25.26
C ASN A 4 -25.21 23.33 -24.04
N PHE A 5 -23.93 23.23 -23.69
CA PHE A 5 -23.54 22.64 -22.42
C PHE A 5 -23.59 23.69 -21.32
N GLU A 6 -23.99 23.25 -20.14
CA GLU A 6 -23.90 24.06 -18.93
C GLU A 6 -22.52 23.87 -18.26
N GLN A 7 -21.87 24.98 -17.91
CA GLN A 7 -20.62 24.96 -17.11
C GLN A 7 -20.94 25.23 -15.65
N THR A 8 -20.36 24.43 -14.77
CA THR A 8 -20.59 24.66 -13.40
C THR A 8 -19.37 24.20 -12.64
N ILE A 9 -19.24 24.67 -11.40
CA ILE A 9 -18.20 24.18 -10.48
C ILE A 9 -18.93 23.55 -9.31
N VAL A 10 -18.73 22.24 -9.11
CA VAL A 10 -19.37 21.53 -8.00
C VAL A 10 -18.46 21.41 -6.79
N ASP A 11 -18.94 21.88 -5.61
CA ASP A 11 -18.14 21.85 -4.40
C ASP A 11 -18.39 20.51 -3.73
N THR A 12 -17.37 19.65 -3.61
CA THR A 12 -17.50 18.31 -3.00
C THR A 12 -16.84 18.47 -1.61
N THR A 13 -16.71 17.38 -0.86
CA THR A 13 -16.19 17.41 0.51
C THR A 13 -14.76 18.00 0.55
N GLU A 14 -13.88 17.61 -0.41
CA GLU A 14 -12.47 17.98 -0.40
CA GLU A 14 -12.47 18.01 -0.38
C GLU A 14 -12.00 18.82 -1.57
N ALA A 15 -12.86 19.07 -2.56
CA ALA A 15 -12.43 19.70 -3.79
C ALA A 15 -13.57 20.38 -4.51
N ARG A 16 -13.23 21.40 -5.28
CA ARG A 16 -14.16 22.06 -6.19
C ARG A 16 -13.87 21.48 -7.56
N ILE A 17 -14.87 20.92 -8.21
CA ILE A 17 -14.66 20.27 -9.54
C ILE A 17 -15.42 21.01 -10.64
N ASN A 18 -14.67 21.54 -11.59
CA ASN A 18 -15.19 22.18 -12.75
C ASN A 18 -15.73 21.15 -13.75
N LEU A 19 -16.86 21.46 -14.41
CA LEU A 19 -17.46 20.54 -15.32
C LEU A 19 -18.33 21.25 -16.37
N VAL A 20 -18.59 20.51 -17.45
CA VAL A 20 -19.62 20.85 -18.42
C VAL A 20 -20.58 19.68 -18.48
N LYS A 21 -21.87 19.98 -18.72
CA LYS A 21 -22.88 18.95 -18.72
C LYS A 21 -23.94 19.25 -19.78
N ALA A 22 -24.37 18.21 -20.47
CA ALA A 22 -25.46 18.32 -21.45
C ALA A 22 -26.11 16.95 -21.69
N GLY A 23 -27.36 16.95 -22.20
CA GLY A 23 -28.01 15.74 -22.52
C GLY A 23 -29.07 15.26 -21.52
N HIS A 24 -29.72 14.19 -21.94
CA HIS A 24 -30.78 13.52 -21.17
C HIS A 24 -30.52 12.06 -21.41
N GLY A 25 -30.97 11.22 -20.55
CA GLY A 25 -30.59 9.85 -20.73
C GLY A 25 -29.66 9.44 -19.61
N ALA A 26 -29.26 8.18 -19.67
CA ALA A 26 -28.47 7.54 -18.62
C ALA A 26 -27.18 8.38 -18.42
N PRO A 27 -26.76 8.55 -17.16
CA PRO A 27 -25.61 9.40 -16.86
C PRO A 27 -24.26 8.75 -17.28
N LEU A 28 -23.40 9.60 -17.87
CA LEU A 28 -22.08 9.21 -18.39
C LEU A 28 -21.06 10.24 -17.95
N LEU A 29 -20.08 9.74 -17.17
CA LEU A 29 -18.97 10.55 -16.68
C LEU A 29 -17.73 10.39 -17.61
N LEU A 30 -17.20 11.50 -18.10
CA LEU A 30 -16.03 11.52 -18.98
C LEU A 30 -14.87 12.15 -18.19
N LEU A 31 -13.74 11.43 -18.16
CA LEU A 31 -12.55 11.82 -17.38
C LEU A 31 -11.32 11.91 -18.29
N HIS A 32 -10.81 13.12 -18.43
CA HIS A 32 -9.66 13.45 -19.27
C HIS A 32 -8.32 13.00 -18.65
N GLY A 33 -7.22 13.22 -19.40
CA GLY A 33 -5.88 12.91 -18.92
C GLY A 33 -4.94 14.11 -19.01
N TYR A 34 -3.66 13.78 -19.09
CA TYR A 34 -2.55 14.74 -18.96
C TYR A 34 -1.97 15.08 -20.31
N PRO A 35 -1.59 16.34 -20.54
CA PRO A 35 -1.78 17.55 -19.73
C PRO A 35 -3.01 18.35 -20.23
N GLN A 36 -4.19 17.73 -20.17
CA GLN A 36 -5.39 18.24 -20.77
C GLN A 36 -6.43 18.54 -19.73
N THR A 37 -7.67 18.78 -20.19
CA THR A 37 -8.77 19.17 -19.38
C THR A 37 -10.02 18.52 -19.99
N HIS A 38 -11.20 18.73 -19.40
CA HIS A 38 -12.45 18.26 -20.01
C HIS A 38 -12.64 18.66 -21.50
N VAL A 39 -11.95 19.71 -21.94
CA VAL A 39 -12.05 20.21 -23.34
C VAL A 39 -11.66 19.15 -24.41
N MET A 40 -10.84 18.15 -24.05
CA MET A 40 -10.50 17.06 -24.96
C MET A 40 -11.70 16.28 -25.47
N TRP A 41 -12.83 16.37 -24.75
CA TRP A 41 -14.04 15.65 -25.15
C TRP A 41 -14.89 16.43 -26.14
N HIS A 42 -14.38 17.54 -26.62
CA HIS A 42 -15.26 18.53 -27.31
C HIS A 42 -15.84 18.02 -28.62
N LYS A 43 -15.14 17.12 -29.28
CA LYS A 43 -15.65 16.55 -30.53
C LYS A 43 -16.73 15.49 -30.33
N ILE A 44 -16.63 14.74 -29.26
CA ILE A 44 -17.52 13.58 -29.05
C ILE A 44 -18.56 13.75 -27.98
N ALA A 45 -18.35 14.66 -27.00
CA ALA A 45 -19.35 14.87 -25.95
C ALA A 45 -20.71 15.30 -26.50
N PRO A 46 -20.73 16.20 -27.50
CA PRO A 46 -22.04 16.59 -28.07
C PRO A 46 -22.80 15.43 -28.74
N LEU A 47 -22.08 14.54 -29.42
CA LEU A 47 -22.69 13.30 -29.98
C LEU A 47 -23.24 12.38 -28.89
N LEU A 48 -22.43 12.15 -27.88
CA LEU A 48 -22.87 11.40 -26.75
C LEU A 48 -24.08 11.99 -26.04
N ALA A 49 -24.17 13.31 -25.96
CA ALA A 49 -25.26 14.04 -25.31
C ALA A 49 -26.60 13.85 -26.11
N ASN A 50 -26.53 13.32 -27.33
CA ASN A 50 -27.76 12.91 -28.04
C ASN A 50 -28.42 11.70 -27.38
N ASN A 51 -27.65 10.90 -26.64
CA ASN A 51 -28.24 9.72 -26.02
C ASN A 51 -28.01 9.50 -24.57
N PHE A 52 -27.10 10.27 -23.98
CA PHE A 52 -26.77 10.12 -22.54
C PHE A 52 -26.69 11.49 -21.93
N THR A 53 -26.83 11.53 -20.60
CA THR A 53 -26.52 12.73 -19.84
C THR A 53 -24.99 12.74 -19.64
N VAL A 54 -24.31 13.61 -20.36
CA VAL A 54 -22.87 13.68 -20.35
C VAL A 54 -22.36 14.68 -19.26
N VAL A 55 -21.41 14.21 -18.43
CA VAL A 55 -20.81 15.04 -17.39
C VAL A 55 -19.27 14.91 -17.63
N ALA A 56 -18.66 16.01 -18.09
CA ALA A 56 -17.20 16.05 -18.40
C ALA A 56 -16.52 17.00 -17.41
N THR A 57 -15.79 16.41 -16.47
CA THR A 57 -15.17 17.15 -15.37
C THR A 57 -13.66 17.46 -15.62
N ASP A 58 -13.12 18.36 -14.82
CA ASP A 58 -11.66 18.45 -14.68
C ASP A 58 -11.29 17.67 -13.42
N LEU A 59 -10.30 16.80 -13.55
CA LEU A 59 -9.76 16.10 -12.38
C LEU A 59 -9.15 17.10 -11.37
N ARG A 60 -9.15 16.80 -10.06
CA ARG A 60 -8.42 17.64 -9.14
C ARG A 60 -6.97 17.75 -9.61
N GLY A 61 -6.40 18.96 -9.48
CA GLY A 61 -5.02 19.23 -9.92
C GLY A 61 -4.99 19.76 -11.35
N TYR A 62 -6.09 19.56 -12.10
CA TYR A 62 -6.14 19.85 -13.56
C TYR A 62 -7.19 20.90 -13.88
N GLY A 63 -7.01 21.54 -15.01
CA GLY A 63 -8.05 22.38 -15.54
C GLY A 63 -8.34 23.54 -14.57
N ASP A 64 -9.63 23.73 -14.32
CA ASP A 64 -10.13 24.76 -13.41
C ASP A 64 -10.65 24.17 -12.09
N SER A 65 -10.30 22.92 -11.80
CA SER A 65 -10.59 22.34 -10.54
C SER A 65 -9.62 22.77 -9.42
N SER A 66 -10.04 22.52 -8.19
CA SER A 66 -9.14 22.74 -7.06
C SER A 66 -7.83 21.91 -7.19
N ARG A 67 -6.75 22.45 -6.62
CA ARG A 67 -5.41 21.85 -6.78
C ARG A 67 -4.72 21.96 -5.39
N PRO A 68 -5.15 21.14 -4.41
CA PRO A 68 -4.43 21.22 -3.08
C PRO A 68 -2.91 20.96 -3.11
N ALA A 69 -2.07 21.56 -2.21
CA ALA A 69 -0.60 21.31 -2.36
C ALA A 69 -0.19 19.94 -1.80
N SER A 70 1.05 19.53 -2.10
CA SER A 70 1.50 18.21 -1.78
C SER A 70 1.36 17.86 -0.28
N VAL A 71 1.12 16.57 -0.02
CA VAL A 71 1.21 16.01 1.35
C VAL A 71 2.19 14.87 1.29
N PRO A 72 2.65 14.38 2.47
CA PRO A 72 3.49 13.19 2.53
C PRO A 72 2.83 11.99 1.81
N HIS A 73 3.61 11.23 1.05
CA HIS A 73 3.15 10.02 0.33
C HIS A 73 2.13 10.37 -0.81
N HIS A 74 1.92 11.65 -1.11
CA HIS A 74 1.09 12.05 -2.29
C HIS A 74 -0.35 11.59 -2.19
N ILE A 75 -0.84 11.44 -0.95
CA ILE A 75 -2.09 10.70 -0.70
C ILE A 75 -3.21 11.41 -1.34
N ASN A 76 -3.14 12.76 -1.42
CA ASN A 76 -4.29 13.53 -1.95
C ASN A 76 -4.35 13.62 -3.51
N TYR A 77 -3.41 12.93 -4.18
CA TYR A 77 -3.47 12.66 -5.65
C TYR A 77 -3.45 11.16 -5.99
N SER A 78 -3.71 10.35 -4.97
CA SER A 78 -3.96 8.95 -5.18
C SER A 78 -5.22 8.84 -6.04
N LYS A 79 -5.26 7.79 -6.83
CA LYS A 79 -6.48 7.59 -7.64
C LYS A 79 -7.69 7.35 -6.79
N ARG A 80 -7.52 6.81 -5.59
CA ARG A 80 -8.60 6.63 -4.68
C ARG A 80 -9.27 7.97 -4.34
N VAL A 81 -8.47 8.98 -3.99
CA VAL A 81 -8.98 10.31 -3.62
C VAL A 81 -9.50 11.03 -4.84
N MET A 82 -8.75 10.93 -5.95
CA MET A 82 -9.22 11.57 -7.17
C MET A 82 -10.57 11.00 -7.65
N ALA A 83 -10.78 9.70 -7.52
CA ALA A 83 -12.00 9.04 -7.90
C ALA A 83 -13.13 9.41 -6.95
N GLN A 84 -12.80 9.56 -5.67
CA GLN A 84 -13.82 9.97 -4.70
C GLN A 84 -14.43 11.35 -4.98
N ASP A 85 -13.65 12.34 -5.41
CA ASP A 85 -14.20 13.62 -5.83
C ASP A 85 -15.30 13.37 -6.88
N GLN A 86 -15.00 12.50 -7.85
CA GLN A 86 -15.89 12.30 -9.00
C GLN A 86 -17.18 11.60 -8.63
N VAL A 87 -17.09 10.61 -7.75
CA VAL A 87 -18.27 9.99 -7.13
C VAL A 87 -19.15 11.07 -6.49
N GLU A 88 -18.53 11.96 -5.73
CA GLU A 88 -19.34 13.02 -5.06
C GLU A 88 -19.97 13.99 -6.03
N VAL A 89 -19.27 14.35 -7.10
CA VAL A 89 -19.88 15.15 -8.15
C VAL A 89 -21.13 14.48 -8.69
N MET A 90 -21.01 13.20 -9.09
CA MET A 90 -22.14 12.54 -9.71
C MET A 90 -23.29 12.47 -8.68
N SER A 91 -22.98 12.20 -7.43
CA SER A 91 -24.05 12.19 -6.35
C SER A 91 -24.76 13.54 -6.26
N LYS A 92 -23.99 14.63 -6.21
CA LYS A 92 -24.54 15.99 -6.14
C LYS A 92 -25.49 16.27 -7.33
N LEU A 93 -25.18 15.70 -8.49
CA LEU A 93 -25.97 15.81 -9.70
C LEU A 93 -27.16 14.84 -9.80
N GLY A 94 -27.29 13.93 -8.82
CA GLY A 94 -28.43 13.04 -8.66
C GLY A 94 -28.20 11.64 -9.18
N TYR A 95 -26.94 11.26 -9.39
CA TYR A 95 -26.61 9.97 -9.97
C TYR A 95 -25.77 9.12 -9.06
N GLU A 96 -26.38 8.06 -8.56
CA GLU A 96 -25.71 7.11 -7.67
C GLU A 96 -25.09 5.93 -8.40
N GLN A 97 -25.42 5.79 -9.69
CA GLN A 97 -24.86 4.79 -10.59
C GLN A 97 -24.73 5.52 -11.97
N PHE A 98 -23.69 5.13 -12.72
CA PHE A 98 -23.42 5.79 -13.96
C PHE A 98 -22.35 5.00 -14.75
N TYR A 99 -22.25 5.36 -16.01
CA TYR A 99 -21.22 4.88 -16.92
C TYR A 99 -20.00 5.81 -16.74
N VAL A 100 -18.82 5.25 -16.93
CA VAL A 100 -17.57 6.05 -16.91
C VAL A 100 -16.71 5.76 -18.15
N VAL A 101 -16.21 6.83 -18.78
CA VAL A 101 -15.20 6.70 -19.81
C VAL A 101 -14.03 7.57 -19.38
N GLY A 102 -12.88 6.97 -19.30
CA GLY A 102 -11.65 7.70 -18.99
C GLY A 102 -10.58 7.54 -20.07
N HIS A 103 -9.78 8.59 -20.23
CA HIS A 103 -8.62 8.64 -21.12
C HIS A 103 -7.36 8.98 -20.30
N ASP A 104 -6.30 8.20 -20.50
CA ASP A 104 -4.97 8.51 -19.89
C ASP A 104 -5.14 8.62 -18.36
N ARG A 105 -4.79 9.73 -17.70
CA ARG A 105 -4.91 9.76 -16.22
C ARG A 105 -6.33 9.44 -15.77
N GLY A 106 -7.31 9.93 -16.52
CA GLY A 106 -8.71 9.69 -16.27
C GLY A 106 -9.13 8.27 -16.26
N ALA A 107 -8.52 7.49 -17.15
CA ALA A 107 -8.69 6.07 -17.14
C ALA A 107 -8.14 5.41 -15.88
N ARG A 108 -7.01 5.93 -15.38
CA ARG A 108 -6.40 5.40 -14.16
C ARG A 108 -7.30 5.72 -12.96
N VAL A 109 -7.84 6.95 -12.94
CA VAL A 109 -8.86 7.35 -11.97
C VAL A 109 -10.05 6.41 -12.07
N ALA A 110 -10.54 6.21 -13.30
CA ALA A 110 -11.70 5.34 -13.54
C ALA A 110 -11.57 3.91 -13.10
N HIS A 111 -10.40 3.31 -13.34
CA HIS A 111 -10.08 1.97 -12.89
C HIS A 111 -10.24 1.84 -11.37
N ARG A 112 -9.63 2.78 -10.63
CA ARG A 112 -9.73 2.73 -9.15
C ARG A 112 -11.19 3.05 -8.71
N LEU A 113 -11.86 3.96 -9.42
CA LEU A 113 -13.25 4.31 -9.16
C LEU A 113 -14.10 3.06 -9.20
N ALA A 114 -13.97 2.28 -10.28
CA ALA A 114 -14.69 1.02 -10.42
C ALA A 114 -14.37 -0.02 -9.32
N LEU A 115 -13.13 -0.10 -8.88
CA LEU A 115 -12.77 -1.01 -7.78
C LEU A 115 -13.30 -0.56 -6.44
N ASP A 116 -13.21 0.74 -6.19
CA ASP A 116 -13.66 1.28 -4.91
C ASP A 116 -15.18 1.45 -4.81
N HIS A 117 -15.86 1.61 -5.95
CA HIS A 117 -17.34 1.87 -5.96
C HIS A 117 -18.04 0.91 -6.96
N PRO A 118 -17.89 -0.40 -6.77
CA PRO A 118 -18.32 -1.35 -7.81
C PRO A 118 -19.85 -1.30 -8.11
N HIS A 119 -20.62 -0.87 -7.11
CA HIS A 119 -22.07 -0.69 -7.22
CA HIS A 119 -22.06 -0.79 -7.35
C HIS A 119 -22.46 0.51 -8.06
N ARG A 120 -21.55 1.48 -8.19
CA ARG A 120 -21.86 2.71 -8.86
C ARG A 120 -21.51 2.65 -10.36
N VAL A 121 -20.43 1.95 -10.69
CA VAL A 121 -19.96 1.94 -12.09
C VAL A 121 -20.67 0.85 -12.87
N LYS A 122 -21.62 1.25 -13.72
CA LYS A 122 -22.37 0.24 -14.50
C LYS A 122 -21.68 -0.29 -15.75
N LYS A 123 -20.89 0.58 -16.40
CA LYS A 123 -20.06 0.21 -17.56
C LYS A 123 -18.83 1.10 -17.51
N LEU A 124 -17.70 0.56 -17.95
CA LEU A 124 -16.42 1.26 -17.90
C LEU A 124 -15.69 1.15 -19.21
N ALA A 125 -15.27 2.31 -19.73
CA ALA A 125 -14.40 2.37 -20.94
C ALA A 125 -13.10 3.06 -20.56
N LEU A 126 -11.98 2.46 -21.01
CA LEU A 126 -10.62 2.91 -20.71
C LEU A 126 -9.93 3.15 -22.04
N LEU A 127 -9.52 4.39 -22.27
CA LEU A 127 -8.90 4.79 -23.51
C LEU A 127 -7.37 5.00 -23.41
N ASP A 128 -6.66 4.20 -24.19
CA ASP A 128 -5.21 4.26 -24.40
C ASP A 128 -4.37 4.12 -23.19
N ILE A 129 -4.77 3.18 -22.31
CA ILE A 129 -3.92 2.81 -21.19
C ILE A 129 -3.88 1.29 -21.02
N ALA A 130 -2.77 0.87 -20.41
CA ALA A 130 -2.59 -0.37 -19.66
C ALA A 130 -2.55 -0.03 -18.16
N PRO A 131 -2.76 -1.02 -17.31
CA PRO A 131 -2.84 -0.68 -15.91
C PRO A 131 -1.54 -0.09 -15.37
N THR A 132 -1.63 0.85 -14.44
CA THR A 132 -0.45 1.50 -13.89
C THR A 132 0.56 0.46 -13.31
N HIS A 133 0.04 -0.51 -12.54
CA HIS A 133 0.85 -1.47 -11.86
C HIS A 133 1.62 -2.33 -12.86
N LYS A 134 0.96 -2.77 -13.92
CA LYS A 134 1.61 -3.55 -14.98
C LYS A 134 2.71 -2.73 -15.68
N MET A 135 2.39 -1.47 -15.95
CA MET A 135 3.35 -0.61 -16.64
C MET A 135 4.62 -0.42 -15.81
N TYR A 136 4.51 -0.06 -14.55
CA TYR A 136 5.73 0.10 -13.74
C TYR A 136 6.42 -1.21 -13.50
N ARG A 137 5.66 -2.25 -13.16
CA ARG A 137 6.27 -3.54 -12.81
C ARG A 137 6.96 -4.23 -13.98
N THR A 138 6.69 -3.80 -15.20
CA THR A 138 7.30 -4.38 -16.39
C THR A 138 8.23 -3.40 -17.11
N THR A 139 8.58 -2.31 -16.39
CA THR A 139 9.57 -1.31 -16.87
C THR A 139 10.76 -1.99 -17.54
N ASP A 140 11.11 -1.52 -18.72
CA ASP A 140 12.36 -1.88 -19.36
C ASP A 140 12.86 -0.66 -20.15
N GLN A 141 13.98 -0.83 -20.87
CA GLN A 141 14.55 0.33 -21.57
C GLN A 141 13.52 1.01 -22.49
N GLU A 142 12.79 0.20 -23.29
CA GLU A 142 11.87 0.77 -24.29
C GLU A 142 10.74 1.52 -23.59
N PHE A 143 10.19 0.96 -22.49
CA PHE A 143 9.14 1.66 -21.80
C PHE A 143 9.63 2.94 -21.16
N ALA A 144 10.77 2.88 -20.47
CA ALA A 144 11.28 4.04 -19.80
C ALA A 144 11.67 5.16 -20.80
N THR A 145 11.99 4.77 -22.03
CA THR A 145 12.30 5.75 -23.05
C THR A 145 11.02 6.38 -23.60
N ALA A 146 10.09 5.52 -23.98
CA ALA A 146 8.83 6.00 -24.59
C ALA A 146 7.95 6.77 -23.59
N TYR A 147 7.99 6.34 -22.34
CA TYR A 147 7.20 6.90 -21.24
C TYR A 147 8.16 7.55 -20.22
N TYR A 148 9.19 8.29 -20.71
CA TYR A 148 10.22 8.76 -19.81
C TYR A 148 9.61 9.67 -18.74
N HIS A 149 8.46 10.27 -19.01
CA HIS A 149 7.81 11.20 -18.06
C HIS A 149 7.31 10.52 -16.79
N TRP A 150 7.17 9.20 -16.84
CA TRP A 150 6.82 8.39 -15.66
C TRP A 150 8.03 8.31 -14.67
N PHE A 151 9.20 8.76 -15.15
CA PHE A 151 10.42 8.85 -14.33
C PHE A 151 10.85 10.29 -14.05
N PHE A 152 10.66 11.16 -15.02
CA PHE A 152 10.96 12.59 -14.93
C PHE A 152 10.00 13.32 -14.01
N LEU A 153 8.69 13.14 -14.24
CA LEU A 153 7.69 13.90 -13.49
C LEU A 153 7.63 13.51 -12.03
N ILE A 154 8.22 12.37 -11.66
CA ILE A 154 8.21 11.92 -10.25
C ILE A 154 9.48 12.28 -9.52
N GLN A 155 10.41 12.96 -10.19
CA GLN A 155 11.64 13.40 -9.50
C GLN A 155 11.33 14.36 -8.31
N PRO A 156 12.13 14.26 -7.25
CA PRO A 156 11.83 15.10 -6.07
C PRO A 156 12.41 16.52 -6.15
N ASP A 157 12.21 17.23 -5.04
CA ASP A 157 12.72 18.57 -4.88
C ASP A 157 12.34 19.57 -5.97
N ASN A 158 11.10 19.50 -6.45
CA ASN A 158 10.62 20.40 -7.46
C ASN A 158 11.36 20.45 -8.78
N LEU A 159 12.06 19.36 -9.11
CA LEU A 159 12.79 19.34 -10.38
C LEU A 159 11.85 19.54 -11.62
N PRO A 160 10.84 18.66 -11.82
CA PRO A 160 9.98 18.88 -12.97
C PRO A 160 9.19 20.18 -12.93
N GLU A 161 8.73 20.59 -11.73
CA GLU A 161 8.01 21.84 -11.61
C GLU A 161 8.87 22.97 -12.16
N THR A 162 10.18 22.97 -11.85
CA THR A 162 11.06 24.07 -12.29
C THR A 162 11.31 23.98 -13.77
N LEU A 163 11.67 22.78 -14.28
CA LEU A 163 11.96 22.69 -15.71
C LEU A 163 10.77 22.96 -16.61
N ILE A 164 9.58 22.47 -16.21
CA ILE A 164 8.36 22.69 -16.97
C ILE A 164 7.96 24.14 -16.85
N GLY A 165 8.02 24.65 -15.62
CA GLY A 165 7.61 26.02 -15.29
C GLY A 165 8.35 27.14 -16.03
N ALA A 166 9.58 26.86 -16.45
CA ALA A 166 10.33 27.77 -17.33
C ALA A 166 9.63 28.06 -18.64
N ASN A 167 8.87 27.10 -19.17
CA ASN A 167 8.15 27.26 -20.44
C ASN A 167 7.11 26.15 -20.56
N PRO A 168 5.99 26.31 -19.86
CA PRO A 168 4.96 25.21 -19.82
C PRO A 168 4.39 24.91 -21.17
N GLU A 169 4.23 25.93 -22.04
CA GLU A 169 3.61 25.67 -23.33
C GLU A 169 4.58 24.80 -24.19
N TYR A 170 5.88 25.09 -24.12
CA TYR A 170 6.83 24.32 -24.89
C TYR A 170 6.69 22.81 -24.53
N TYR A 171 6.63 22.56 -23.23
CA TYR A 171 6.64 21.19 -22.68
C TYR A 171 5.34 20.49 -23.10
N LEU A 172 4.22 21.19 -22.89
CA LEU A 172 2.92 20.65 -23.27
C LEU A 172 2.89 20.24 -24.75
N ARG A 173 3.33 21.16 -25.58
CA ARG A 173 3.36 20.87 -27.01
C ARG A 173 4.23 19.66 -27.34
N LYS A 174 5.40 19.52 -26.69
CA LYS A 174 6.27 18.37 -26.92
C LYS A 174 5.59 17.07 -26.54
N CYS A 175 4.85 17.09 -25.45
CA CYS A 175 4.07 15.91 -25.04
C CYS A 175 3.05 15.53 -26.10
N LEU A 176 2.28 16.53 -26.54
CA LEU A 176 1.21 16.25 -27.54
C LEU A 176 1.80 15.75 -28.86
N GLU A 177 2.90 16.38 -29.25
CA GLU A 177 3.61 15.92 -30.45
C GLU A 177 4.12 14.53 -30.32
N LYS A 178 4.70 14.17 -29.18
CA LYS A 178 5.28 12.86 -29.06
C LYS A 178 4.20 11.77 -29.07
N TRP A 179 3.12 11.98 -28.29
CA TRP A 179 2.19 10.89 -28.07
C TRP A 179 1.12 10.75 -29.11
N GLY A 180 0.79 11.86 -29.75
CA GLY A 180 -0.21 11.94 -30.81
C GLY A 180 0.46 11.70 -32.17
N LYS A 181 -0.37 11.38 -33.15
CA LYS A 181 0.13 11.17 -34.51
C LYS A 181 -0.58 12.03 -35.55
N ASP A 182 -1.33 13.01 -35.09
CA ASP A 182 -1.93 14.01 -35.98
C ASP A 182 -2.09 15.31 -35.27
N PHE A 183 -1.09 16.21 -35.31
CA PHE A 183 -1.20 17.45 -34.51
C PHE A 183 -2.41 18.31 -34.99
N SER A 184 -2.80 18.21 -36.28
CA SER A 184 -4.05 18.83 -36.79
C SER A 184 -5.26 18.56 -35.94
N ALA A 185 -5.26 17.39 -35.28
CA ALA A 185 -6.38 16.95 -34.45
C ALA A 185 -6.73 17.92 -33.35
N PHE A 186 -5.76 18.72 -32.92
CA PHE A 186 -5.99 19.60 -31.80
C PHE A 186 -6.53 20.91 -32.30
N HIS A 187 -7.81 21.13 -32.01
CA HIS A 187 -8.47 22.41 -32.30
C HIS A 187 -7.73 23.53 -31.63
N PRO A 188 -7.45 24.62 -32.38
CA PRO A 188 -6.73 25.72 -31.74
C PRO A 188 -7.33 26.22 -30.45
N GLN A 189 -8.66 26.32 -30.33
CA GLN A 189 -9.27 26.76 -29.07
C GLN A 189 -9.03 25.71 -27.92
N ALA A 190 -8.98 24.45 -28.30
CA ALA A 190 -8.71 23.36 -27.31
C ALA A 190 -7.26 23.48 -26.81
N LEU A 191 -6.31 23.66 -27.73
CA LEU A 191 -4.89 23.88 -27.39
C LEU A 191 -4.75 25.10 -26.48
N ALA A 192 -5.47 26.20 -26.78
CA ALA A 192 -5.40 27.38 -25.94
C ALA A 192 -5.84 27.09 -24.52
N GLU A 193 -6.91 26.29 -24.35
CA GLU A 193 -7.44 25.95 -23.05
C GLU A 193 -6.41 25.08 -22.30
N TYR A 194 -5.92 24.05 -22.95
CA TYR A 194 -4.85 23.20 -22.29
C TYR A 194 -3.68 24.07 -21.77
N ILE A 195 -3.20 24.98 -22.61
CA ILE A 195 -2.09 25.88 -22.29
C ILE A 195 -2.44 26.83 -21.17
N ARG A 196 -3.64 27.37 -21.20
CA ARG A 196 -4.10 28.25 -20.11
C ARG A 196 -4.04 27.58 -18.75
N CYS A 197 -4.57 26.38 -18.65
CA CYS A 197 -4.61 25.70 -17.36
C CYS A 197 -3.24 25.18 -16.96
N PHE A 198 -2.50 24.59 -17.92
CA PHE A 198 -1.17 23.93 -17.57
C PHE A 198 -0.08 24.97 -17.29
N SER A 199 -0.29 26.21 -17.77
CA SER A 199 0.67 27.27 -17.48
C SER A 199 0.64 27.74 -16.00
N GLN A 200 -0.38 27.37 -15.25
CA GLN A 200 -0.47 27.79 -13.85
C GLN A 200 0.44 26.90 -12.99
N PRO A 201 1.35 27.53 -12.21
CA PRO A 201 2.26 26.67 -11.40
C PRO A 201 1.56 25.68 -10.42
N ALA A 202 0.41 26.02 -9.85
CA ALA A 202 -0.31 25.07 -8.98
C ALA A 202 -0.72 23.82 -9.78
N VAL A 203 -0.95 23.93 -11.08
CA VAL A 203 -1.42 22.78 -11.90
C VAL A 203 -0.18 21.98 -12.27
N ILE A 204 0.89 22.65 -12.65
CA ILE A 204 2.17 21.94 -12.91
C ILE A 204 2.52 21.08 -11.69
N HIS A 205 2.49 21.65 -10.50
CA HIS A 205 2.77 20.88 -9.27
C HIS A 205 1.80 19.74 -9.00
N ALA A 206 0.49 20.00 -9.06
CA ALA A 206 -0.49 19.02 -8.78
C ALA A 206 -0.45 17.82 -9.76
N THR A 207 -0.22 18.11 -11.03
CA THR A 207 -0.15 17.05 -12.03
C THR A 207 1.12 16.24 -11.80
N CYS A 208 2.27 16.87 -11.40
CA CYS A 208 3.41 16.05 -11.02
C CYS A 208 3.05 15.13 -9.80
N GLU A 209 2.27 15.67 -8.86
CA GLU A 209 1.83 14.88 -7.71
C GLU A 209 1.02 13.65 -8.10
N ASP A 210 0.14 13.79 -9.10
CA ASP A 210 -0.58 12.65 -9.65
C ASP A 210 0.41 11.55 -10.08
N TYR A 211 1.38 11.94 -10.90
CA TYR A 211 2.44 11.00 -11.33
C TYR A 211 3.20 10.42 -10.12
N ARG A 212 3.52 11.25 -9.14
CA ARG A 212 4.21 10.78 -7.94
C ARG A 212 3.44 9.74 -7.16
N ALA A 213 2.14 9.98 -7.01
CA ALA A 213 1.21 9.05 -6.38
C ALA A 213 1.13 7.74 -7.17
N ALA A 214 1.10 7.83 -8.50
CA ALA A 214 1.05 6.62 -9.33
C ALA A 214 2.23 5.67 -9.20
N ALA A 215 3.41 6.21 -8.87
CA ALA A 215 4.61 5.42 -8.61
C ALA A 215 4.73 4.86 -7.21
N THR A 216 3.84 5.30 -6.29
CA THR A 216 3.97 5.03 -4.86
C THR A 216 2.66 4.50 -4.27
N ILE A 217 1.86 5.42 -3.72
CA ILE A 217 0.61 5.06 -3.03
C ILE A 217 -0.37 4.30 -3.91
N ASP A 218 -0.49 4.69 -5.19
CA ASP A 218 -1.39 3.94 -6.07
C ASP A 218 -1.03 2.47 -6.18
N LEU A 219 0.28 2.15 -6.20
CA LEU A 219 0.74 0.80 -6.37
C LEU A 219 0.48 -0.02 -5.08
N GLU A 220 0.58 0.63 -3.94
CA GLU A 220 0.12 0.03 -2.66
C GLU A 220 -1.36 -0.33 -2.73
N HIS A 221 -2.17 0.61 -3.17
CA HIS A 221 -3.59 0.39 -3.29
C HIS A 221 -3.90 -0.78 -4.24
N ASP A 222 -3.27 -0.76 -5.41
CA ASP A 222 -3.49 -1.80 -6.40
C ASP A 222 -3.07 -3.18 -5.89
N GLU A 223 -1.94 -3.25 -5.17
CA GLU A 223 -1.48 -4.51 -4.64
C GLU A 223 -2.41 -5.02 -3.53
N LEU A 224 -3.05 -4.12 -2.81
CA LEU A 224 -3.91 -4.49 -1.69
C LEU A 224 -5.28 -4.97 -2.13
N ASP A 225 -5.60 -4.88 -3.41
CA ASP A 225 -6.82 -5.56 -3.93
C ASP A 225 -6.62 -6.21 -5.32
N MET A 226 -5.44 -6.76 -5.54
CA MET A 226 -5.07 -7.37 -6.83
C MET A 226 -6.00 -8.57 -7.16
N LYS A 227 -6.51 -9.29 -6.14
CA LYS A 227 -7.46 -10.36 -6.33
C LYS A 227 -8.86 -9.94 -6.76
N GLN A 228 -9.26 -8.67 -6.53
CA GLN A 228 -10.55 -8.13 -6.86
C GLN A 228 -10.46 -7.76 -8.36
N LYS A 229 -11.52 -8.07 -9.08
CA LYS A 229 -11.57 -7.69 -10.50
C LYS A 229 -12.72 -6.76 -10.73
N ILE A 230 -12.54 -5.84 -11.69
CA ILE A 230 -13.64 -5.01 -12.16
C ILE A 230 -14.76 -5.98 -12.54
N SER A 231 -15.96 -5.72 -12.01
CA SER A 231 -17.14 -6.61 -12.17
C SER A 231 -18.07 -6.23 -13.35
N CYS A 232 -18.08 -4.94 -13.75
CA CYS A 232 -18.98 -4.50 -14.82
C CYS A 232 -18.32 -4.70 -16.17
N PRO A 233 -19.09 -4.56 -17.26
CA PRO A 233 -18.44 -4.67 -18.56
C PRO A 233 -17.39 -3.56 -18.73
N VAL A 234 -16.28 -3.93 -19.34
CA VAL A 234 -15.15 -3.03 -19.60
C VAL A 234 -14.84 -3.04 -21.08
N LEU A 235 -14.70 -1.83 -21.62
CA LEU A 235 -14.25 -1.63 -23.02
C LEU A 235 -12.88 -1.01 -22.95
N VAL A 236 -11.93 -1.52 -23.72
CA VAL A 236 -10.59 -0.93 -23.79
C VAL A 236 -10.32 -0.56 -25.24
N LEU A 237 -10.11 0.73 -25.49
CA LEU A 237 -9.75 1.21 -26.83
C LEU A 237 -8.33 1.81 -26.81
N TRP A 238 -7.55 1.56 -27.86
CA TRP A 238 -6.23 2.14 -27.88
C TRP A 238 -5.86 2.58 -29.27
N GLY A 239 -4.81 3.39 -29.36
CA GLY A 239 -4.35 3.89 -30.62
C GLY A 239 -3.40 2.91 -31.28
N GLU A 240 -3.75 2.47 -32.49
CA GLU A 240 -2.89 1.50 -33.21
C GLU A 240 -1.52 2.06 -33.61
N LYS A 241 -1.45 3.36 -33.85
CA LYS A 241 -0.22 4.03 -34.35
C LYS A 241 0.82 4.24 -33.25
N GLY A 242 0.35 4.24 -32.00
CA GLY A 242 1.23 4.36 -30.86
C GLY A 242 1.95 3.09 -30.47
N ILE A 243 2.87 3.27 -29.52
CA ILE A 243 3.72 2.17 -29.06
C ILE A 243 2.87 1.16 -28.21
N ILE A 244 1.86 1.68 -27.56
CA ILE A 244 1.10 0.86 -26.58
C ILE A 244 0.68 -0.51 -27.11
N GLY A 245 0.10 -0.55 -28.31
CA GLY A 245 -0.39 -1.80 -28.90
C GLY A 245 0.67 -2.65 -29.60
N ARG A 246 1.82 -2.05 -29.85
CA ARG A 246 2.98 -2.75 -30.45
C ARG A 246 3.72 -3.47 -29.32
N LYS A 247 3.82 -2.80 -28.17
CA LYS A 247 4.62 -3.33 -27.09
C LYS A 247 3.84 -4.27 -26.21
N TYR A 248 2.54 -3.99 -26.04
CA TYR A 248 1.73 -4.71 -25.09
C TYR A 248 0.54 -5.40 -25.80
N ASP A 249 0.06 -6.46 -25.15
CA ASP A 249 -1.21 -7.11 -25.52
C ASP A 249 -2.21 -6.45 -24.59
N VAL A 250 -2.80 -5.38 -25.13
CA VAL A 250 -3.66 -4.45 -24.30
C VAL A 250 -4.81 -5.20 -23.65
N LEU A 251 -5.59 -5.97 -24.41
CA LEU A 251 -6.69 -6.64 -23.79
C LEU A 251 -6.25 -7.71 -22.76
N ALA A 252 -5.16 -8.44 -23.05
CA ALA A 252 -4.62 -9.38 -22.08
C ALA A 252 -4.26 -8.69 -20.75
N THR A 253 -3.69 -7.50 -20.80
CA THR A 253 -3.36 -6.76 -19.57
C THR A 253 -4.65 -6.51 -18.76
N TRP A 254 -5.73 -6.21 -19.45
CA TRP A 254 -6.97 -5.87 -18.71
C TRP A 254 -7.74 -7.11 -18.26
N ARG A 255 -7.54 -8.24 -18.96
CA ARG A 255 -8.25 -9.43 -18.53
C ARG A 255 -7.68 -9.93 -17.18
N GLU A 256 -6.45 -9.57 -16.85
CA GLU A 256 -5.85 -9.84 -15.51
C GLU A 256 -6.55 -9.06 -14.38
N ARG A 257 -7.28 -8.01 -14.76
CA ARG A 257 -7.85 -7.04 -13.79
CA ARG A 257 -7.87 -6.99 -13.86
C ARG A 257 -9.38 -6.89 -13.88
N ALA A 258 -9.99 -7.59 -14.83
CA ALA A 258 -11.43 -7.46 -15.09
C ALA A 258 -11.99 -8.77 -15.67
N ILE A 259 -13.24 -9.07 -15.33
CA ILE A 259 -13.88 -10.35 -15.71
C ILE A 259 -14.54 -10.30 -17.09
N ASP A 260 -14.85 -9.11 -17.59
CA ASP A 260 -15.66 -8.96 -18.83
C ASP A 260 -15.05 -7.83 -19.68
N VAL A 261 -14.08 -8.18 -20.54
CA VAL A 261 -13.31 -7.17 -21.28
C VAL A 261 -13.51 -7.36 -22.75
N SER A 262 -13.75 -6.24 -23.44
CA SER A 262 -13.69 -6.25 -24.90
C SER A 262 -13.01 -5.00 -25.37
N GLY A 263 -12.75 -4.92 -26.66
CA GLY A 263 -12.25 -3.66 -27.21
C GLY A 263 -11.43 -3.89 -28.45
N GLN A 264 -10.69 -2.86 -28.85
CA GLN A 264 -10.01 -2.86 -30.16
C GLN A 264 -9.09 -1.65 -30.29
N SER A 265 -8.22 -1.73 -31.27
CA SER A 265 -7.44 -0.57 -31.64
C SER A 265 -8.24 0.34 -32.57
N LEU A 266 -7.89 1.62 -32.51
CA LEU A 266 -8.34 2.64 -33.45
C LEU A 266 -7.18 3.25 -34.25
N PRO A 267 -7.49 3.82 -35.44
CA PRO A 267 -6.40 4.20 -36.32
C PRO A 267 -5.85 5.60 -35.98
N CYS A 268 -5.15 5.70 -34.84
CA CYS A 268 -4.59 6.96 -34.41
C CYS A 268 -3.53 6.66 -33.33
N GLY A 269 -2.96 7.73 -32.84
CA GLY A 269 -2.07 7.72 -31.71
C GLY A 269 -2.85 7.85 -30.39
N HIS A 270 -2.18 8.41 -29.41
CA HIS A 270 -2.73 8.42 -28.01
C HIS A 270 -4.07 9.09 -27.83
N PHE A 271 -4.30 10.22 -28.55
CA PHE A 271 -5.42 11.10 -28.21
C PHE A 271 -6.73 10.73 -28.97
N LEU A 272 -7.29 9.58 -28.61
CA LEU A 272 -8.35 8.95 -29.36
C LEU A 272 -9.49 9.91 -29.67
N PRO A 273 -10.02 10.64 -28.65
CA PRO A 273 -11.24 11.43 -28.93
C PRO A 273 -11.04 12.67 -29.81
N GLU A 274 -9.77 13.04 -30.00
CA GLU A 274 -9.37 14.16 -30.82
C GLU A 274 -8.84 13.69 -32.16
N GLU A 275 -8.04 12.67 -32.15
CA GLU A 275 -7.47 12.14 -33.40
C GLU A 275 -8.45 11.30 -34.24
N ALA A 276 -9.35 10.59 -33.56
CA ALA A 276 -10.26 9.65 -34.24
C ALA A 276 -11.63 9.74 -33.61
N PRO A 277 -12.25 10.95 -33.66
CA PRO A 277 -13.49 11.22 -32.91
C PRO A 277 -14.65 10.32 -33.35
N GLU A 278 -14.82 10.16 -34.67
CA GLU A 278 -15.98 9.36 -35.16
C GLU A 278 -15.88 7.88 -34.71
N GLU A 279 -14.69 7.30 -34.81
CA GLU A 279 -14.47 5.90 -34.49
C GLU A 279 -14.58 5.71 -32.99
N THR A 280 -14.05 6.67 -32.25
CA THR A 280 -14.14 6.61 -30.78
C THR A 280 -15.61 6.72 -30.32
N TYR A 281 -16.34 7.68 -30.86
CA TYR A 281 -17.75 7.82 -30.54
C TYR A 281 -18.54 6.53 -30.86
N GLN A 282 -18.35 5.97 -32.08
CA GLN A 282 -19.05 4.74 -32.51
CA GLN A 282 -19.12 4.78 -32.45
C GLN A 282 -18.84 3.60 -31.52
N ALA A 283 -17.56 3.40 -31.18
CA ALA A 283 -17.23 2.34 -30.23
C ALA A 283 -17.84 2.51 -28.88
N ILE A 284 -17.80 3.73 -28.34
CA ILE A 284 -18.38 4.01 -27.04
C ILE A 284 -19.92 3.87 -27.12
N TYR A 285 -20.50 4.42 -28.16
CA TYR A 285 -21.94 4.32 -28.35
C TYR A 285 -22.43 2.85 -28.34
N ASN A 286 -21.78 2.00 -29.14
CA ASN A 286 -22.17 0.63 -29.21
C ASN A 286 -22.00 -0.06 -27.89
N PHE A 287 -20.90 0.24 -27.22
CA PHE A 287 -20.64 -0.43 -25.90
C PHE A 287 -21.68 -0.09 -24.84
N LEU A 288 -22.04 1.17 -24.77
CA LEU A 288 -23.04 1.66 -23.84
C LEU A 288 -24.49 1.29 -24.24
N THR A 289 -24.72 1.10 -25.55
CA THR A 289 -26.10 0.98 -26.06
C THR A 289 -26.47 -0.47 -26.34
N HIS A 290 -25.51 -1.30 -26.73
CA HIS A 290 -25.77 -2.64 -27.19
C HIS A 290 -24.93 -3.64 -26.34
N CYS A 291 -25.59 -4.33 -25.40
CA CYS A 291 -24.91 -5.26 -24.44
C CYS A 291 -25.87 -6.32 -23.87
N MET B 1 0.66 -20.99 1.14
CA MET B 1 0.57 -20.17 2.39
C MET B 1 -0.17 -18.87 2.10
N PHE B 2 -0.94 -18.41 3.09
CA PHE B 2 -1.69 -17.14 2.99
C PHE B 2 -2.56 -17.00 1.74
N THR B 3 -3.29 -18.08 1.46
CA THR B 3 -4.07 -18.22 0.24
C THR B 3 -4.89 -16.96 -0.21
N ASN B 4 -5.64 -16.38 0.70
CA ASN B 4 -6.49 -15.35 0.22
C ASN B 4 -6.05 -13.98 0.76
N PHE B 5 -4.75 -13.88 1.06
CA PHE B 5 -4.14 -12.61 1.51
C PHE B 5 -3.58 -11.85 0.30
N GLU B 6 -3.56 -10.53 0.44
CA GLU B 6 -2.89 -9.63 -0.49
C GLU B 6 -1.55 -9.27 0.15
N GLN B 7 -0.62 -8.80 -0.66
CA GLN B 7 0.78 -8.52 -0.21
C GLN B 7 1.23 -7.22 -0.86
N THR B 8 1.86 -6.38 -0.07
CA THR B 8 2.39 -5.12 -0.59
C THR B 8 3.52 -4.65 0.35
N ILE B 9 4.22 -3.63 -0.10
CA ILE B 9 5.24 -2.91 0.69
C ILE B 9 4.70 -1.53 0.87
N VAL B 10 4.55 -1.11 2.13
CA VAL B 10 4.02 0.21 2.50
C VAL B 10 5.14 1.16 2.86
N ASP B 11 5.21 2.27 2.14
CA ASP B 11 6.17 3.36 2.43
C ASP B 11 5.69 4.08 3.70
N THR B 12 6.58 4.19 4.68
CA THR B 12 6.38 5.09 5.79
C THR B 12 7.42 6.20 5.79
N THR B 13 7.46 6.99 6.86
CA THR B 13 8.35 8.13 6.89
C THR B 13 9.81 7.74 6.71
N GLU B 14 10.20 6.66 7.38
CA GLU B 14 11.58 6.26 7.50
C GLU B 14 11.82 4.86 7.00
N ALA B 15 10.78 4.15 6.50
CA ALA B 15 10.98 2.76 6.20
C ALA B 15 10.05 2.32 5.08
N ARG B 16 10.31 1.13 4.58
CA ARG B 16 9.37 0.46 3.65
C ARG B 16 9.08 -0.86 4.28
N ILE B 17 7.81 -1.08 4.61
CA ILE B 17 7.39 -2.24 5.41
C ILE B 17 6.59 -3.26 4.54
N ASN B 18 7.12 -4.44 4.42
CA ASN B 18 6.49 -5.51 3.69
C ASN B 18 5.40 -6.09 4.55
N LEU B 19 4.28 -6.47 3.95
CA LEU B 19 3.16 -7.05 4.75
C LEU B 19 2.23 -7.89 3.89
N VAL B 20 1.49 -8.73 4.57
CA VAL B 20 0.33 -9.42 3.99
C VAL B 20 -0.94 -9.00 4.81
N LYS B 21 -2.09 -9.02 4.16
CA LYS B 21 -3.32 -8.53 4.70
C LYS B 21 -4.53 -9.34 4.16
N ALA B 22 -5.41 -9.71 5.07
CA ALA B 22 -6.69 -10.30 4.75
C ALA B 22 -7.73 -10.05 5.82
N GLY B 23 -9.02 -10.09 5.44
CA GLY B 23 -10.12 -9.97 6.36
C GLY B 23 -10.79 -8.62 6.36
N HIS B 24 -11.92 -8.54 7.05
CA HIS B 24 -12.68 -7.28 7.07
C HIS B 24 -13.12 -6.83 8.45
N GLY B 25 -12.87 -7.62 9.50
CA GLY B 25 -13.21 -7.17 10.86
C GLY B 25 -12.29 -6.12 11.50
N ALA B 26 -12.36 -6.03 12.83
CA ALA B 26 -11.51 -5.12 13.60
C ALA B 26 -10.06 -5.36 13.24
N PRO B 27 -9.26 -4.26 13.13
CA PRO B 27 -7.84 -4.41 12.72
C PRO B 27 -6.94 -5.07 13.80
N LEU B 28 -6.07 -5.93 13.31
CA LEU B 28 -5.21 -6.79 14.12
C LEU B 28 -3.84 -6.83 13.46
N LEU B 29 -2.87 -6.28 14.19
CA LEU B 29 -1.47 -6.29 13.75
C LEU B 29 -0.71 -7.47 14.42
N LEU B 30 -0.02 -8.22 13.58
CA LEU B 30 0.80 -9.37 14.00
C LEU B 30 2.27 -9.08 13.70
N LEU B 31 3.08 -9.15 14.75
CA LEU B 31 4.51 -8.82 14.72
C LEU B 31 5.37 -10.04 15.08
N HIS B 32 6.14 -10.53 14.11
CA HIS B 32 7.03 -11.70 14.26
C HIS B 32 8.30 -11.34 15.04
N GLY B 33 9.11 -12.37 15.27
CA GLY B 33 10.42 -12.23 15.88
C GLY B 33 11.56 -12.84 15.11
N TYR B 34 12.61 -13.18 15.88
CA TYR B 34 13.92 -13.55 15.29
C TYR B 34 14.14 -15.05 15.24
N PRO B 35 14.76 -15.57 14.17
CA PRO B 35 15.18 -15.00 12.94
C PRO B 35 14.12 -15.28 11.86
N GLN B 36 12.92 -14.79 12.08
CA GLN B 36 11.76 -15.17 11.24
C GLN B 36 11.23 -13.92 10.52
N THR B 37 10.03 -14.07 9.95
CA THR B 37 9.38 -13.03 9.18
C THR B 37 7.86 -13.16 9.44
N HIS B 38 7.03 -12.36 8.74
CA HIS B 38 5.57 -12.50 8.85
C HIS B 38 5.02 -13.91 8.59
N VAL B 39 5.81 -14.73 7.86
CA VAL B 39 5.41 -16.05 7.46
C VAL B 39 5.16 -16.94 8.68
N MET B 40 5.72 -16.65 9.84
CA MET B 40 5.47 -17.45 11.04
C MET B 40 4.01 -17.50 11.42
N TRP B 41 3.23 -16.53 10.93
CA TRP B 41 1.80 -16.45 11.22
C TRP B 41 0.93 -17.27 10.24
N HIS B 42 1.57 -18.06 9.38
CA HIS B 42 0.85 -18.69 8.31
C HIS B 42 -0.25 -19.62 8.78
N LYS B 43 -0.06 -20.28 9.92
CA LYS B 43 -1.08 -21.22 10.41
C LYS B 43 -2.31 -20.58 10.99
N ILE B 44 -2.12 -19.50 11.73
CA ILE B 44 -3.23 -18.88 12.44
C ILE B 44 -3.77 -17.60 11.83
N ALA B 45 -2.97 -16.90 11.05
CA ALA B 45 -3.47 -15.71 10.37
C ALA B 45 -4.72 -15.93 9.52
N PRO B 46 -4.78 -16.99 8.70
CA PRO B 46 -6.00 -17.18 7.91
C PRO B 46 -7.23 -17.41 8.82
N LEU B 47 -7.05 -18.06 9.95
CA LEU B 47 -8.14 -18.35 10.88
C LEU B 47 -8.66 -17.04 11.46
N LEU B 48 -7.72 -16.22 11.92
CA LEU B 48 -8.03 -14.89 12.46
C LEU B 48 -8.69 -13.99 11.44
N ALA B 49 -8.31 -14.14 10.17
CA ALA B 49 -8.84 -13.27 9.10
C ALA B 49 -10.37 -13.55 8.87
N ASN B 50 -10.87 -14.67 9.42
CA ASN B 50 -12.33 -14.94 9.37
C ASN B 50 -13.11 -13.93 10.20
N ASN B 51 -12.43 -13.26 11.14
CA ASN B 51 -13.10 -12.33 12.04
C ASN B 51 -12.49 -10.92 12.20
N PHE B 52 -11.24 -10.78 11.80
CA PHE B 52 -10.47 -9.55 11.98
C PHE B 52 -9.81 -9.19 10.67
N THR B 53 -9.42 -7.92 10.54
CA THR B 53 -8.60 -7.49 9.42
C THR B 53 -7.15 -7.69 9.88
N VAL B 54 -6.53 -8.75 9.40
CA VAL B 54 -5.19 -9.18 9.83
C VAL B 54 -4.13 -8.52 8.96
N VAL B 55 -3.16 -7.85 9.59
CA VAL B 55 -2.06 -7.22 8.88
C VAL B 55 -0.81 -7.84 9.55
N ALA B 56 -0.05 -8.63 8.80
CA ALA B 56 1.16 -9.30 9.30
C ALA B 56 2.34 -8.70 8.56
N THR B 57 3.19 -7.96 9.28
CA THR B 57 4.27 -7.21 8.68
C THR B 57 5.62 -7.90 8.91
N ASP B 58 6.60 -7.41 8.17
CA ASP B 58 8.03 -7.62 8.51
C ASP B 58 8.56 -6.38 9.27
N LEU B 59 9.24 -6.61 10.41
CA LEU B 59 9.84 -5.57 11.17
C LEU B 59 10.93 -4.94 10.32
N ARG B 60 11.25 -3.68 10.58
CA ARG B 60 12.45 -3.15 9.91
C ARG B 60 13.69 -3.99 10.30
N GLY B 61 14.50 -4.26 9.32
CA GLY B 61 15.70 -5.05 9.38
C GLY B 61 15.45 -6.51 9.10
N TYR B 62 14.18 -6.94 8.99
CA TYR B 62 13.79 -8.31 8.86
C TYR B 62 13.08 -8.58 7.53
N GLY B 63 13.01 -9.83 7.10
CA GLY B 63 12.18 -10.19 6.01
C GLY B 63 12.50 -9.38 4.77
N ASP B 64 11.44 -8.84 4.14
CA ASP B 64 11.60 -8.00 2.94
C ASP B 64 11.34 -6.53 3.25
N SER B 65 11.38 -6.13 4.51
CA SER B 65 11.30 -4.74 4.84
C SER B 65 12.68 -4.06 4.61
N SER B 66 12.66 -2.73 4.59
CA SER B 66 13.86 -1.92 4.55
C SER B 66 14.72 -2.24 5.78
N ARG B 67 16.03 -2.03 5.62
CA ARG B 67 17.02 -2.32 6.67
C ARG B 67 17.96 -1.09 6.63
N PRO B 68 17.53 0.01 7.25
CA PRO B 68 18.38 1.18 7.20
C PRO B 68 19.72 0.98 7.80
N ALA B 69 20.61 1.84 7.30
CA ALA B 69 21.99 1.79 7.67
C ALA B 69 22.11 2.00 9.19
N SER B 70 22.96 1.20 9.82
CA SER B 70 23.33 1.30 11.23
C SER B 70 24.05 2.64 11.55
N VAL B 71 23.87 3.04 12.80
CA VAL B 71 24.14 4.40 13.27
C VAL B 71 24.72 4.27 14.69
N PRO B 72 25.41 5.33 15.17
CA PRO B 72 25.90 5.35 16.51
C PRO B 72 24.82 5.09 17.53
N HIS B 73 25.12 4.26 18.53
CA HIS B 73 24.20 3.92 19.60
C HIS B 73 22.97 3.10 19.21
N HIS B 74 22.93 2.60 17.99
CA HIS B 74 21.86 1.69 17.52
C HIS B 74 20.47 2.26 17.58
N ILE B 75 20.38 3.60 17.49
CA ILE B 75 19.15 4.33 17.77
C ILE B 75 18.04 3.95 16.80
N ASN B 76 18.39 3.63 15.56
CA ASN B 76 17.37 3.29 14.50
C ASN B 76 16.83 1.83 14.53
N TYR B 77 17.29 1.04 15.51
CA TYR B 77 16.67 -0.24 15.81
C TYR B 77 16.16 -0.29 17.23
N SER B 78 16.01 0.88 17.85
CA SER B 78 15.28 0.88 19.09
C SER B 78 13.86 0.42 18.87
N LYS B 79 13.28 -0.15 19.92
CA LYS B 79 11.84 -0.54 19.84
C LYS B 79 10.95 0.64 19.58
N ARG B 80 11.33 1.82 20.06
CA ARG B 80 10.55 3.04 19.79
C ARG B 80 10.44 3.29 18.27
N VAL B 81 11.57 3.26 17.59
CA VAL B 81 11.64 3.53 16.14
C VAL B 81 10.94 2.40 15.36
N MET B 82 11.20 1.17 15.78
CA MET B 82 10.64 0.00 15.08
C MET B 82 9.14 -0.05 15.24
N ALA B 83 8.62 0.37 16.41
CA ALA B 83 7.20 0.51 16.65
C ALA B 83 6.59 1.67 15.84
N GLN B 84 7.30 2.75 15.72
CA GLN B 84 6.80 3.93 15.00
C GLN B 84 6.51 3.55 13.55
N ASP B 85 7.36 2.75 12.92
CA ASP B 85 7.10 2.30 11.55
C ASP B 85 5.75 1.64 11.48
N GLN B 86 5.48 0.76 12.45
CA GLN B 86 4.30 -0.04 12.43
C GLN B 86 3.01 0.75 12.66
N VAL B 87 3.06 1.75 13.53
CA VAL B 87 1.98 2.68 13.69
C VAL B 87 1.65 3.41 12.36
N GLU B 88 2.67 3.86 11.67
CA GLU B 88 2.53 4.49 10.36
C GLU B 88 1.93 3.58 9.27
N VAL B 89 2.30 2.30 9.24
CA VAL B 89 1.64 1.34 8.41
C VAL B 89 0.14 1.27 8.70
N MET B 90 -0.24 1.07 9.96
CA MET B 90 -1.62 0.97 10.28
C MET B 90 -2.37 2.26 9.92
N SER B 91 -1.77 3.41 10.19
CA SER B 91 -2.42 4.69 9.79
C SER B 91 -2.63 4.74 8.27
N LYS B 92 -1.60 4.31 7.51
CA LYS B 92 -1.65 4.28 6.04
C LYS B 92 -2.84 3.45 5.54
N LEU B 93 -3.08 2.37 6.22
CA LEU B 93 -4.22 1.47 5.94
C LEU B 93 -5.57 1.84 6.50
N GLY B 94 -5.67 2.97 7.21
CA GLY B 94 -6.90 3.50 7.67
C GLY B 94 -7.21 3.19 9.13
N TYR B 95 -6.23 2.68 9.88
CA TYR B 95 -6.48 2.18 11.25
C TYR B 95 -5.71 3.00 12.28
N GLU B 96 -6.44 3.85 13.02
CA GLU B 96 -5.79 4.67 14.03
C GLU B 96 -5.76 3.98 15.41
N GLN B 97 -6.58 2.94 15.56
CA GLN B 97 -6.58 2.05 16.75
C GLN B 97 -6.69 0.65 16.23
N PHE B 98 -6.08 -0.27 16.97
CA PHE B 98 -6.04 -1.67 16.54
C PHE B 98 -5.62 -2.58 17.68
N TYR B 99 -5.74 -3.89 17.47
CA TYR B 99 -5.19 -4.89 18.34
C TYR B 99 -3.76 -5.27 17.85
N VAL B 100 -2.90 -5.65 18.80
CA VAL B 100 -1.52 -6.05 18.46
C VAL B 100 -1.20 -7.37 19.15
N VAL B 101 -0.67 -8.30 18.37
CA VAL B 101 -0.10 -9.56 18.86
C VAL B 101 1.37 -9.61 18.37
N GLY B 102 2.30 -9.74 19.30
CA GLY B 102 3.73 -9.89 19.02
C GLY B 102 4.31 -11.15 19.58
N HIS B 103 5.30 -11.68 18.85
CA HIS B 103 6.08 -12.85 19.27
C HIS B 103 7.55 -12.46 19.29
N ASP B 104 8.24 -12.79 20.36
CA ASP B 104 9.72 -12.62 20.40
C ASP B 104 10.06 -11.17 20.18
N ARG B 105 10.90 -10.82 19.20
CA ARG B 105 11.17 -9.41 18.97
C ARG B 105 9.91 -8.54 18.79
N GLY B 106 8.92 -9.09 18.06
CA GLY B 106 7.66 -8.44 17.81
C GLY B 106 6.91 -8.05 19.06
N ALA B 107 7.01 -8.90 20.06
CA ALA B 107 6.41 -8.62 21.38
C ALA B 107 7.12 -7.47 22.10
N ARG B 108 8.45 -7.36 21.90
CA ARG B 108 9.20 -6.27 22.47
C ARG B 108 8.86 -4.94 21.77
N VAL B 109 8.72 -5.01 20.46
CA VAL B 109 8.18 -3.88 19.69
C VAL B 109 6.80 -3.47 20.14
N ALA B 110 5.93 -4.47 20.32
CA ALA B 110 4.54 -4.26 20.69
C ALA B 110 4.41 -3.63 22.08
N HIS B 111 5.27 -4.08 23.01
CA HIS B 111 5.30 -3.53 24.39
C HIS B 111 5.57 -2.06 24.35
N ARG B 112 6.67 -1.67 23.68
CA ARG B 112 6.99 -0.26 23.52
C ARG B 112 5.92 0.51 22.68
N LEU B 113 5.36 -0.14 21.65
CA LEU B 113 4.29 0.47 20.88
C LEU B 113 3.11 0.88 21.77
N ALA B 114 2.68 -0.02 22.65
CA ALA B 114 1.59 0.29 23.57
C ALA B 114 1.97 1.38 24.57
N LEU B 115 3.21 1.44 25.04
CA LEU B 115 3.66 2.51 25.95
C LEU B 115 3.74 3.85 25.27
N ASP B 116 4.20 3.87 24.03
CA ASP B 116 4.39 5.14 23.30
C ASP B 116 3.09 5.65 22.66
N HIS B 117 2.18 4.74 22.36
CA HIS B 117 0.93 5.02 21.60
C HIS B 117 -0.25 4.40 22.32
N PRO B 118 -0.50 4.76 23.60
CA PRO B 118 -1.48 3.99 24.34
C PRO B 118 -2.90 4.11 23.78
N HIS B 119 -3.20 5.23 23.11
CA HIS B 119 -4.54 5.46 22.53
C HIS B 119 -4.82 4.55 21.31
N ARG B 120 -3.74 4.02 20.75
CA ARG B 120 -3.80 3.22 19.52
C ARG B 120 -3.92 1.76 19.79
N VAL B 121 -3.51 1.30 20.98
CA VAL B 121 -3.49 -0.10 21.23
C VAL B 121 -4.67 -0.50 22.07
N LYS B 122 -5.64 -1.12 21.41
CA LYS B 122 -6.85 -1.51 22.12
C LYS B 122 -6.72 -2.73 22.99
N LYS B 123 -6.03 -3.75 22.50
CA LYS B 123 -5.65 -4.91 23.30
C LYS B 123 -4.26 -5.37 22.83
N LEU B 124 -3.53 -6.01 23.73
CA LEU B 124 -2.14 -6.39 23.47
C LEU B 124 -1.93 -7.82 23.86
N ALA B 125 -1.36 -8.61 22.97
CA ALA B 125 -0.93 -9.98 23.30
C ALA B 125 0.56 -10.16 23.02
N LEU B 126 1.22 -10.80 23.98
CA LEU B 126 2.68 -10.97 24.02
C LEU B 126 2.97 -12.49 24.10
N LEU B 127 3.65 -13.03 23.08
CA LEU B 127 3.94 -14.44 23.03
C LEU B 127 5.43 -14.78 23.34
N ASP B 128 5.58 -15.59 24.37
CA ASP B 128 6.84 -16.17 24.85
C ASP B 128 7.94 -15.18 25.15
N ILE B 129 7.61 -14.08 25.85
CA ILE B 129 8.62 -13.18 26.34
C ILE B 129 8.32 -12.72 27.78
N ALA B 130 9.41 -12.36 28.47
CA ALA B 130 9.32 -11.50 29.63
C ALA B 130 9.95 -10.17 29.19
N PRO B 131 9.73 -9.09 29.92
CA PRO B 131 10.21 -7.79 29.52
C PRO B 131 11.72 -7.73 29.40
N THR B 132 12.21 -7.02 28.37
CA THR B 132 13.63 -6.91 28.14
C THR B 132 14.43 -6.47 29.36
N HIS B 133 13.93 -5.41 29.99
CA HIS B 133 14.64 -4.83 31.12
C HIS B 133 14.78 -5.85 32.24
N LYS B 134 13.71 -6.53 32.57
CA LYS B 134 13.76 -7.63 33.57
C LYS B 134 14.78 -8.70 33.14
N MET B 135 14.73 -9.15 31.90
CA MET B 135 15.61 -10.24 31.49
CA MET B 135 15.61 -10.24 31.45
C MET B 135 17.10 -9.85 31.64
N TYR B 136 17.48 -8.65 31.20
CA TYR B 136 18.87 -8.28 31.32
C TYR B 136 19.24 -8.00 32.75
N ARG B 137 18.32 -7.37 33.50
CA ARG B 137 18.66 -6.96 34.87
C ARG B 137 18.71 -8.15 35.81
N THR B 138 18.12 -9.25 35.45
CA THR B 138 18.19 -10.44 36.25
C THR B 138 19.03 -11.58 35.62
N THR B 139 19.85 -11.27 34.61
CA THR B 139 20.80 -12.23 33.95
C THR B 139 21.54 -13.04 35.02
N ASP B 140 21.54 -14.35 34.85
CA ASP B 140 22.32 -15.27 35.63
C ASP B 140 22.86 -16.37 34.67
N GLN B 141 23.57 -17.33 35.24
CA GLN B 141 24.21 -18.35 34.43
C GLN B 141 23.19 -19.10 33.57
N GLU B 142 22.06 -19.48 34.17
CA GLU B 142 21.05 -20.20 33.44
C GLU B 142 20.43 -19.38 32.32
N PHE B 143 20.07 -18.12 32.58
CA PHE B 143 19.55 -17.29 31.50
C PHE B 143 20.56 -17.04 30.39
N ALA B 144 21.81 -16.75 30.78
CA ALA B 144 22.81 -16.40 29.79
C ALA B 144 23.14 -17.62 28.92
N THR B 145 22.97 -18.82 29.48
CA THR B 145 23.22 -20.09 28.71
C THR B 145 22.08 -20.32 27.76
N ALA B 146 20.86 -20.19 28.27
CA ALA B 146 19.65 -20.45 27.43
C ALA B 146 19.48 -19.40 26.37
N TYR B 147 19.78 -18.17 26.75
CA TYR B 147 19.65 -16.99 25.85
C TYR B 147 21.02 -16.38 25.54
N TYR B 148 21.98 -17.24 25.16
CA TYR B 148 23.38 -16.82 24.96
C TYR B 148 23.42 -15.79 23.83
N HIS B 149 22.47 -15.87 22.91
CA HIS B 149 22.43 -14.95 21.77
C HIS B 149 22.19 -13.47 22.15
N TRP B 150 21.63 -13.25 23.33
CA TRP B 150 21.51 -11.91 23.88
C TRP B 150 22.89 -11.31 24.26
N PHE B 151 23.95 -12.13 24.23
CA PHE B 151 25.31 -11.72 24.57
C PHE B 151 26.25 -11.87 23.35
N PHE B 152 25.99 -12.87 22.53
CA PHE B 152 26.72 -13.12 21.28
C PHE B 152 26.36 -12.12 20.17
N LEU B 153 25.09 -11.89 19.94
CA LEU B 153 24.66 -11.02 18.84
C LEU B 153 24.96 -9.53 19.06
N ILE B 154 25.31 -9.16 20.31
CA ILE B 154 25.61 -7.79 20.68
C ILE B 154 27.13 -7.53 20.67
N GLN B 155 27.95 -8.54 20.37
CA GLN B 155 29.39 -8.32 20.32
C GLN B 155 29.73 -7.27 19.26
N PRO B 156 30.76 -6.47 19.52
CA PRO B 156 31.19 -5.45 18.53
C PRO B 156 32.09 -5.95 17.38
N ASP B 157 32.55 -4.98 16.56
CA ASP B 157 33.46 -5.22 15.47
C ASP B 157 33.03 -6.34 14.49
N ASN B 158 31.73 -6.40 14.19
CA ASN B 158 31.16 -7.38 13.23
C ASN B 158 31.43 -8.86 13.53
N LEU B 159 31.68 -9.22 14.79
CA LEU B 159 31.91 -10.62 15.14
C LEU B 159 30.71 -11.52 14.79
N PRO B 160 29.48 -11.24 15.34
CA PRO B 160 28.37 -12.16 14.94
C PRO B 160 28.02 -12.13 13.47
N GLU B 161 28.10 -10.96 12.80
CA GLU B 161 27.80 -10.89 11.38
C GLU B 161 28.74 -11.82 10.62
N THR B 162 30.01 -11.84 11.03
CA THR B 162 31.01 -12.69 10.34
C THR B 162 30.74 -14.14 10.58
N LEU B 163 30.58 -14.49 11.85
CA LEU B 163 30.38 -15.88 12.18
C LEU B 163 29.08 -16.46 11.60
N ILE B 164 28.00 -15.68 11.66
CA ILE B 164 26.71 -16.10 11.09
C ILE B 164 26.78 -16.15 9.57
N GLY B 165 27.40 -15.12 9.01
CA GLY B 165 27.50 -14.91 7.58
C GLY B 165 28.19 -16.06 6.87
N ALA B 166 29.11 -16.74 7.55
CA ALA B 166 29.78 -17.94 6.97
C ALA B 166 28.81 -19.06 6.59
N ASN B 167 27.70 -19.16 7.31
CA ASN B 167 26.62 -20.11 6.99
C ASN B 167 25.30 -19.72 7.67
N PRO B 168 24.50 -18.83 7.04
CA PRO B 168 23.34 -18.27 7.79
C PRO B 168 22.32 -19.33 8.03
N GLU B 169 22.16 -20.24 7.05
CA GLU B 169 21.17 -21.33 7.26
C GLU B 169 21.54 -22.27 8.40
N TYR B 170 22.83 -22.61 8.58
CA TYR B 170 23.26 -23.43 9.74
C TYR B 170 22.78 -22.74 11.07
N TYR B 171 23.11 -21.45 11.18
CA TYR B 171 22.87 -20.68 12.40
C TYR B 171 21.39 -20.59 12.70
N LEU B 172 20.65 -20.27 11.68
CA LEU B 172 19.18 -20.25 11.76
C LEU B 172 18.59 -21.57 12.28
N ARG B 173 18.96 -22.67 11.64
CA ARG B 173 18.47 -23.95 12.06
C ARG B 173 18.85 -24.23 13.53
N LYS B 174 20.07 -23.94 13.95
CA LYS B 174 20.46 -24.18 15.34
C LYS B 174 19.57 -23.41 16.31
N CYS B 175 19.25 -22.17 15.98
CA CYS B 175 18.34 -21.39 16.80
C CYS B 175 16.93 -22.01 16.89
N LEU B 176 16.35 -22.34 15.73
CA LEU B 176 15.03 -22.93 15.72
C LEU B 176 15.02 -24.30 16.46
N GLU B 177 16.07 -25.11 16.24
CA GLU B 177 16.22 -26.38 16.94
C GLU B 177 16.29 -26.22 18.45
N LYS B 178 17.01 -25.23 18.92
CA LYS B 178 17.23 -25.03 20.33
C LYS B 178 15.99 -24.53 21.04
N TRP B 179 15.35 -23.51 20.45
CA TRP B 179 14.25 -22.83 21.14
C TRP B 179 12.90 -23.53 20.98
N GLY B 180 12.74 -24.27 19.88
CA GLY B 180 11.53 -24.98 19.58
C GLY B 180 11.63 -26.40 20.14
N LYS B 181 10.50 -27.05 20.28
CA LYS B 181 10.51 -28.44 20.79
C LYS B 181 9.93 -29.45 19.82
N ASP B 182 9.63 -29.03 18.61
CA ASP B 182 9.14 -29.95 17.59
C ASP B 182 9.46 -29.40 16.21
N PHE B 183 10.58 -29.84 15.65
CA PHE B 183 11.04 -29.23 14.39
C PHE B 183 10.03 -29.41 13.25
N SER B 184 9.21 -30.48 13.32
CA SER B 184 8.17 -30.74 12.36
C SER B 184 7.11 -29.60 12.28
N ALA B 185 7.07 -28.78 13.31
CA ALA B 185 6.20 -27.56 13.36
C ALA B 185 6.47 -26.58 12.21
N PHE B 186 7.69 -26.60 11.67
CA PHE B 186 8.10 -25.67 10.66
C PHE B 186 7.77 -26.18 9.27
N HIS B 187 6.80 -25.54 8.64
CA HIS B 187 6.42 -25.91 7.27
C HIS B 187 7.61 -25.63 6.38
N PRO B 188 7.94 -26.58 5.46
CA PRO B 188 9.13 -26.35 4.65
C PRO B 188 9.13 -25.01 3.85
N GLN B 189 7.99 -24.52 3.39
CA GLN B 189 7.96 -23.23 2.65
C GLN B 189 8.21 -22.06 3.61
N ALA B 190 7.79 -22.22 4.87
CA ALA B 190 8.01 -21.18 5.90
C ALA B 190 9.51 -21.14 6.21
N LEU B 191 10.11 -22.30 6.48
CA LEU B 191 11.54 -22.40 6.69
C LEU B 191 12.37 -21.84 5.52
N ALA B 192 12.00 -22.17 4.27
CA ALA B 192 12.68 -21.65 3.06
C ALA B 192 12.62 -20.10 3.07
N GLU B 193 11.46 -19.54 3.42
CA GLU B 193 11.30 -18.07 3.52
C GLU B 193 12.26 -17.51 4.58
N TYR B 194 12.31 -18.11 5.76
CA TYR B 194 13.18 -17.54 6.82
C TYR B 194 14.63 -17.56 6.36
N ILE B 195 15.00 -18.67 5.71
CA ILE B 195 16.36 -18.84 5.24
C ILE B 195 16.69 -17.85 4.12
N ARG B 196 15.74 -17.62 3.24
CA ARG B 196 15.95 -16.68 2.12
C ARG B 196 16.25 -15.28 2.65
N CYS B 197 15.45 -14.85 3.62
CA CYS B 197 15.58 -13.49 4.15
C CYS B 197 16.80 -13.37 5.08
N PHE B 198 17.00 -14.33 5.99
CA PHE B 198 18.14 -14.26 6.92
C PHE B 198 19.50 -14.43 6.24
N SER B 199 19.54 -15.06 5.05
CA SER B 199 20.77 -15.26 4.40
C SER B 199 21.35 -13.95 3.82
N GLN B 200 20.55 -12.89 3.75
CA GLN B 200 21.01 -11.61 3.21
C GLN B 200 21.87 -10.88 4.29
N PRO B 201 23.12 -10.51 3.96
CA PRO B 201 23.97 -9.84 4.96
C PRO B 201 23.36 -8.64 5.59
N ALA B 202 22.54 -7.91 4.84
CA ALA B 202 21.93 -6.67 5.41
C ALA B 202 20.98 -7.03 6.53
N VAL B 203 20.36 -8.20 6.42
CA VAL B 203 19.42 -8.68 7.46
C VAL B 203 20.23 -9.20 8.69
N ILE B 204 21.27 -9.98 8.46
CA ILE B 204 22.10 -10.47 9.54
C ILE B 204 22.59 -9.23 10.39
N HIS B 205 23.05 -8.15 9.73
CA HIS B 205 23.55 -6.98 10.42
C HIS B 205 22.41 -6.20 11.14
N ALA B 206 21.27 -5.98 10.47
CA ALA B 206 20.17 -5.21 11.08
C ALA B 206 19.56 -5.92 12.27
N THR B 207 19.45 -7.24 12.18
CA THR B 207 18.93 -8.01 13.30
C THR B 207 19.90 -8.00 14.47
N CYS B 208 21.23 -8.05 14.22
CA CYS B 208 22.19 -7.81 15.30
C CYS B 208 21.99 -6.41 15.93
N GLU B 209 21.75 -5.39 15.10
CA GLU B 209 21.47 -4.05 15.61
C GLU B 209 20.26 -3.98 16.55
N ASP B 210 19.19 -4.69 16.21
CA ASP B 210 18.02 -4.86 17.09
C ASP B 210 18.47 -5.32 18.48
N TYR B 211 19.20 -6.41 18.49
CA TYR B 211 19.76 -6.94 19.74
C TYR B 211 20.68 -5.95 20.43
N ARG B 212 21.52 -5.23 19.69
CA ARG B 212 22.43 -4.25 20.29
C ARG B 212 21.64 -3.11 20.95
N ALA B 213 20.57 -2.65 20.28
CA ALA B 213 19.70 -1.64 20.84
C ALA B 213 19.01 -2.12 22.11
N ALA B 214 18.62 -3.37 22.13
CA ALA B 214 17.90 -3.92 23.27
C ALA B 214 18.76 -3.96 24.54
N ALA B 215 20.06 -4.08 24.36
CA ALA B 215 21.03 -4.12 25.49
C ALA B 215 21.40 -2.71 25.96
N THR B 216 21.08 -1.69 25.16
CA THR B 216 21.51 -0.34 25.39
C THR B 216 20.36 0.69 25.41
N ILE B 217 20.09 1.32 24.27
CA ILE B 217 19.07 2.37 24.17
C ILE B 217 17.68 1.97 24.61
N ASP B 218 17.23 0.74 24.35
CA ASP B 218 15.92 0.32 24.76
C ASP B 218 15.79 0.33 26.29
N LEU B 219 16.87 0.01 27.00
CA LEU B 219 16.82 -0.02 28.45
C LEU B 219 16.75 1.38 28.99
N GLU B 220 17.38 2.34 28.28
CA GLU B 220 17.27 3.74 28.67
C GLU B 220 15.78 4.21 28.57
N HIS B 221 15.15 3.85 27.45
CA HIS B 221 13.73 4.16 27.23
C HIS B 221 12.89 3.54 28.26
N ASP B 222 13.12 2.25 28.55
CA ASP B 222 12.30 1.55 29.51
C ASP B 222 12.45 2.10 30.93
N GLU B 223 13.66 2.47 31.31
CA GLU B 223 13.84 3.07 32.67
C GLU B 223 13.07 4.37 32.81
N LEU B 224 13.00 5.16 31.76
CA LEU B 224 12.38 6.49 31.87
C LEU B 224 10.91 6.41 32.25
N ASP B 225 10.16 5.54 31.60
CA ASP B 225 8.73 5.40 31.94
C ASP B 225 8.38 4.14 32.66
N MET B 226 9.34 3.65 33.46
CA MET B 226 9.17 2.36 34.15
C MET B 226 7.95 2.37 35.08
N LYS B 227 7.58 3.53 35.67
CA LYS B 227 6.48 3.51 36.63
C LYS B 227 5.13 3.57 35.92
N GLN B 228 5.15 3.86 34.61
CA GLN B 228 3.96 3.83 33.77
C GLN B 228 3.56 2.37 33.43
N LYS B 229 2.31 2.01 33.64
CA LYS B 229 1.88 0.66 33.21
C LYS B 229 1.02 0.74 31.92
N ILE B 230 1.06 -0.32 31.10
CA ILE B 230 0.08 -0.53 30.03
C ILE B 230 -1.30 -0.60 30.66
N SER B 231 -2.28 0.10 30.11
CA SER B 231 -3.62 0.13 30.68
C SER B 231 -4.66 -0.72 29.90
N CYS B 232 -4.37 -1.06 28.62
CA CYS B 232 -5.32 -1.89 27.85
C CYS B 232 -5.22 -3.35 28.34
N PRO B 233 -6.22 -4.21 28.05
CA PRO B 233 -6.06 -5.64 28.38
C PRO B 233 -4.79 -6.22 27.72
N VAL B 234 -4.07 -7.04 28.48
CA VAL B 234 -2.86 -7.74 28.04
C VAL B 234 -3.04 -9.23 28.21
N LEU B 235 -2.70 -9.95 27.15
CA LEU B 235 -2.62 -11.41 27.20
C LEU B 235 -1.17 -11.83 27.03
N VAL B 236 -0.71 -12.70 27.91
CA VAL B 236 0.61 -13.25 27.84
C VAL B 236 0.51 -14.78 27.69
N LEU B 237 1.05 -15.32 26.59
CA LEU B 237 1.11 -16.73 26.36
C LEU B 237 2.58 -17.16 26.27
N TRP B 238 2.91 -18.32 26.84
CA TRP B 238 4.32 -18.76 26.80
C TRP B 238 4.37 -20.27 26.62
N GLY B 239 5.51 -20.75 26.20
CA GLY B 239 5.67 -22.19 26.01
C GLY B 239 6.06 -22.86 27.33
N GLU B 240 5.27 -23.85 27.74
CA GLU B 240 5.56 -24.63 28.94
C GLU B 240 6.93 -25.33 28.89
N LYS B 241 7.42 -25.66 27.71
CA LYS B 241 8.68 -26.39 27.57
C LYS B 241 9.99 -25.57 27.59
N GLY B 242 9.92 -24.26 27.43
CA GLY B 242 11.10 -23.40 27.69
C GLY B 242 11.40 -23.30 29.18
N ILE B 243 12.61 -22.88 29.56
CA ILE B 243 12.88 -22.52 30.97
C ILE B 243 12.12 -21.22 31.34
N ILE B 244 11.58 -20.55 30.32
CA ILE B 244 10.89 -19.30 30.57
C ILE B 244 9.86 -19.34 31.72
N GLY B 245 8.93 -20.29 31.70
CA GLY B 245 7.87 -20.36 32.72
C GLY B 245 8.30 -21.06 34.01
N ARG B 246 9.44 -21.76 33.95
CA ARG B 246 10.01 -22.50 35.12
C ARG B 246 10.89 -21.58 35.91
N LYS B 247 11.63 -20.74 35.19
CA LYS B 247 12.52 -19.77 35.80
C LYS B 247 11.82 -18.52 36.28
N TYR B 248 10.83 -18.04 35.50
CA TYR B 248 10.11 -16.84 35.89
C TYR B 248 8.60 -17.15 36.14
N ASP B 249 7.98 -16.31 36.96
CA ASP B 249 6.54 -16.23 37.08
C ASP B 249 6.13 -15.16 36.07
N VAL B 250 5.76 -15.64 34.91
CA VAL B 250 5.58 -14.81 33.72
C VAL B 250 4.43 -13.79 33.94
N LEU B 251 3.29 -14.29 34.41
CA LEU B 251 2.17 -13.38 34.69
C LEU B 251 2.49 -12.31 35.73
N ALA B 252 3.11 -12.67 36.86
CA ALA B 252 3.57 -11.64 37.79
C ALA B 252 4.58 -10.67 37.20
N THR B 253 5.46 -11.14 36.36
CA THR B 253 6.42 -10.25 35.70
C THR B 253 5.68 -9.20 34.87
N TRP B 254 4.63 -9.59 34.19
CA TRP B 254 3.91 -8.64 33.36
C TRP B 254 2.98 -7.72 34.14
N ARG B 255 2.53 -8.20 35.29
CA ARG B 255 1.75 -7.34 36.15
C ARG B 255 2.54 -6.15 36.77
N GLU B 256 3.88 -6.17 36.73
CA GLU B 256 4.72 -5.00 37.08
C GLU B 256 4.64 -3.95 35.98
N ARG B 257 4.20 -4.37 34.80
CA ARG B 257 4.25 -3.51 33.63
C ARG B 257 2.92 -3.13 33.08
N ALA B 258 1.88 -3.74 33.61
CA ALA B 258 0.56 -3.73 33.03
C ALA B 258 -0.46 -3.99 34.11
N ILE B 259 -1.54 -3.22 34.03
CA ILE B 259 -2.62 -3.30 35.03
C ILE B 259 -3.56 -4.49 34.89
N ASP B 260 -3.79 -4.96 33.66
CA ASP B 260 -4.83 -5.95 33.39
C ASP B 260 -4.24 -7.09 32.55
N VAL B 261 -3.75 -8.14 33.21
CA VAL B 261 -2.97 -9.16 32.56
C VAL B 261 -3.64 -10.49 32.77
N SER B 262 -3.74 -11.29 31.70
CA SER B 262 -4.22 -12.64 31.74
C SER B 262 -3.32 -13.49 30.85
N GLY B 263 -3.43 -14.80 30.95
CA GLY B 263 -2.65 -15.68 30.05
C GLY B 263 -2.41 -17.05 30.60
N GLN B 264 -1.58 -17.83 29.92
CA GLN B 264 -1.38 -19.21 30.29
C GLN B 264 -0.17 -19.79 29.51
N SER B 265 0.34 -20.88 30.01
CA SER B 265 1.29 -21.66 29.23
C SER B 265 0.57 -22.48 28.16
N LEU B 266 1.30 -22.79 27.10
CA LEU B 266 0.89 -23.72 26.04
C LEU B 266 1.88 -24.86 25.96
N PRO B 267 1.41 -26.03 25.46
CA PRO B 267 2.25 -27.22 25.55
C PRO B 267 3.31 -27.32 24.41
N CYS B 268 4.25 -26.39 24.38
CA CYS B 268 5.21 -26.31 23.27
C CYS B 268 6.41 -25.52 23.74
N GLY B 269 7.41 -25.39 22.86
CA GLY B 269 8.53 -24.54 23.03
C GLY B 269 8.21 -23.06 22.69
N HIS B 270 9.22 -22.37 22.17
CA HIS B 270 9.15 -20.94 21.94
C HIS B 270 8.20 -20.53 20.83
N PHE B 271 8.06 -21.34 19.79
CA PHE B 271 7.38 -20.92 18.52
C PHE B 271 5.86 -21.20 18.54
N LEU B 272 5.15 -20.51 19.45
CA LEU B 272 3.78 -20.84 19.73
C LEU B 272 2.88 -21.01 18.52
N PRO B 273 2.88 -20.02 17.57
CA PRO B 273 1.96 -20.05 16.46
C PRO B 273 2.25 -21.17 15.45
N GLU B 274 3.44 -21.72 15.49
CA GLU B 274 3.85 -22.86 14.65
C GLU B 274 3.77 -24.19 15.36
N GLU B 275 4.24 -24.23 16.61
CA GLU B 275 4.22 -25.47 17.42
C GLU B 275 2.82 -25.83 17.98
N ALA B 276 2.06 -24.81 18.37
CA ALA B 276 0.72 -25.02 18.99
C ALA B 276 -0.29 -24.07 18.36
N PRO B 277 -0.53 -24.18 17.05
CA PRO B 277 -1.36 -23.17 16.31
C PRO B 277 -2.81 -23.15 16.81
N GLU B 278 -3.38 -24.33 17.05
CA GLU B 278 -4.81 -24.41 17.50
C GLU B 278 -4.96 -23.74 18.86
N GLU B 279 -4.08 -24.07 19.81
CA GLU B 279 -4.20 -23.54 21.16
CA GLU B 279 -4.25 -23.53 21.18
C GLU B 279 -3.94 -22.05 21.17
N THR B 280 -2.97 -21.65 20.33
CA THR B 280 -2.56 -20.26 20.24
C THR B 280 -3.71 -19.42 19.63
N TYR B 281 -4.22 -19.90 18.50
CA TYR B 281 -5.40 -19.31 17.86
C TYR B 281 -6.57 -19.15 18.84
N GLN B 282 -6.93 -20.23 19.54
CA GLN B 282 -8.13 -20.18 20.43
C GLN B 282 -7.95 -19.20 21.56
N ALA B 283 -6.76 -19.16 22.17
CA ALA B 283 -6.47 -18.21 23.23
C ALA B 283 -6.54 -16.78 22.73
N ILE B 284 -5.92 -16.54 21.55
CA ILE B 284 -5.96 -15.16 20.99
C ILE B 284 -7.40 -14.75 20.65
N TYR B 285 -8.12 -15.67 20.02
CA TYR B 285 -9.50 -15.36 19.61
C TYR B 285 -10.37 -15.00 20.83
N ASN B 286 -10.27 -15.83 21.86
CA ASN B 286 -11.10 -15.63 23.07
C ASN B 286 -10.77 -14.30 23.76
N PHE B 287 -9.49 -13.98 23.78
CA PHE B 287 -9.02 -12.68 24.31
C PHE B 287 -9.51 -11.49 23.54
N LEU B 288 -9.42 -11.55 22.20
CA LEU B 288 -9.81 -10.37 21.40
C LEU B 288 -11.35 -10.20 21.33
N THR B 289 -12.10 -11.29 21.51
CA THR B 289 -13.54 -11.24 21.37
C THR B 289 -14.24 -11.02 22.78
N HIS B 290 -13.46 -11.21 23.87
CA HIS B 290 -13.78 -11.00 25.37
C HIS B 290 -14.28 -12.30 26.03
#